data_6W56
#
_entry.id   6W56
#
_cell.length_a   73.366
_cell.length_b   73.366
_cell.length_c   233.652
_cell.angle_alpha   90.000
_cell.angle_beta   90.000
_cell.angle_gamma   90.000
#
_symmetry.space_group_name_H-M   'P 43 21 2'
#
loop_
_entity.id
_entity.type
_entity.pdbx_description
1 polymer 'Malic enzyme'
2 non-polymer '4-(2-HYDROXYETHYL)-1-PIPERAZINE ETHANESULFONIC ACID'
3 non-polymer ~{N}-[3-[[4-[bis(fluoranyl)methoxy]phenyl]sulfamoyl]phenyl]-3,5-bis(fluoranyl)benzamide
4 water water
#
_entity_poly.entity_id   1
_entity_poly.type   'polypeptide(L)'
_entity_poly.pdbx_seq_one_letter_code
;QGRAILTDRYINRGTAFTMEERQKLHILGRLPPVVETLEEQVARVYGQVKKYEKPINRYQHLVSVHSTNTTLYYATILAH
LEEMLPIIYTPTVGEACMEYSHLFFRERGVYFNRLYKGQFRNIMRDAGYQKVEVVVITDGSRILGLGDLGSNGIGISIGK
CSLYVAGAGIDPRLIVPVILDVGTNNERYLQDKDYLGMREKRLGDEEFYELLDEFMEAASAEWPNAVIQFEDFSNNHCFD
IMERYQKKYRCFNDDIQGTGAVIAAGFLNAIKLSGVSPLQQRIVVFGAGSAAVGVANNIAALAARMYKFPVQDLVKTFYL
VDTKGLVTTTRGDQLAAHKKLLARTDVSAEDSAKLRTLEEIVRFVKPTTLLGLGGVGPAFTEEIVKMVMQNTERPIIFPL
SNPTSKAEVTPENAYKWTNGAAIVASGSPFPPTTIGGKTFKPSQGNNLYVFPGVGLGCALAQPTHIPEELLLTASESLNL
LTTEGDLREGRLYPPLEDIHNISANVATDVILEAQRMKIDNNKKLPRTRDELLAFVKKAMWKPVYSGEVGEQVL
;
_entity_poly.pdbx_strand_id   A
#
loop_
_chem_comp.id
_chem_comp.type
_chem_comp.name
_chem_comp.formula
EPE non-polymer '4-(2-HYDROXYETHYL)-1-PIPERAZINE ETHANESULFONIC ACID' 'C8 H18 N2 O4 S'
SZJ non-polymer ~{N}-[3-[[4-[bis(fluoranyl)methoxy]phenyl]sulfamoyl]phenyl]-3,5-bis(fluoranyl)benzamide 'C20 H14 F4 N2 O4 S'
#
# COMPACT_ATOMS: atom_id res chain seq x y z
N ALA A 4 -3.86 16.24 33.18
CA ALA A 4 -4.90 15.70 32.24
C ALA A 4 -4.69 16.26 30.82
N ILE A 5 -3.87 17.30 30.66
CA ILE A 5 -3.80 18.09 29.40
C ILE A 5 -2.49 17.70 28.72
N LEU A 6 -1.39 17.95 29.43
CA LEU A 6 -0.03 17.67 28.95
C LEU A 6 0.15 16.16 28.76
N THR A 7 -0.43 15.35 29.66
CA THR A 7 -0.23 13.87 29.74
C THR A 7 -1.15 13.14 28.76
N ASP A 8 -2.09 13.84 28.12
CA ASP A 8 -3.02 13.27 27.11
C ASP A 8 -2.48 13.63 25.71
N ARG A 9 -1.93 12.67 24.99
CA ARG A 9 -1.19 12.94 23.73
C ARG A 9 -2.13 13.48 22.65
N TYR A 10 -3.44 13.20 22.76
CA TYR A 10 -4.44 13.68 21.78
C TYR A 10 -4.70 15.19 21.95
N ILE A 11 -4.67 15.76 23.15
CA ILE A 11 -5.01 17.21 23.35
C ILE A 11 -3.75 18.01 23.72
N ASN A 12 -2.67 17.38 24.13
CA ASN A 12 -1.40 18.11 24.38
C ASN A 12 -0.98 18.89 23.12
N ARG A 13 -0.61 20.15 23.33
CA ARG A 13 -0.12 21.06 22.30
C ARG A 13 1.32 21.46 22.57
N GLY A 14 1.86 21.07 23.72
CA GLY A 14 3.19 21.49 24.16
C GLY A 14 3.36 22.99 24.07
N THR A 15 4.45 23.45 23.47
CA THR A 15 4.81 24.88 23.43
C THR A 15 3.80 25.70 22.62
N ALA A 16 2.83 25.06 21.95
CA ALA A 16 1.81 25.75 21.13
C ALA A 16 0.74 26.30 22.06
N PHE A 17 0.69 25.91 23.33
CA PHE A 17 -0.17 26.58 24.34
C PHE A 17 0.33 28.00 24.53
N THR A 18 -0.53 28.99 24.32
CA THR A 18 -0.14 30.43 24.49
C THR A 18 0.12 30.68 25.98
N MET A 19 0.79 31.78 26.34
CA MET A 19 0.96 32.20 27.76
C MET A 19 -0.38 32.22 28.49
N GLU A 20 -1.40 32.82 27.90
CA GLU A 20 -2.77 32.96 28.50
C GLU A 20 -3.38 31.58 28.64
N GLU A 21 -3.15 30.68 27.67
CA GLU A 21 -3.72 29.30 27.81
C GLU A 21 -3.02 28.60 28.99
N ARG A 22 -1.71 28.72 29.08
CA ARG A 22 -0.93 28.02 30.14
C ARG A 22 -1.44 28.47 31.54
N GLN A 23 -1.70 29.76 31.73
CA GLN A 23 -2.21 30.34 33.01
C GLN A 23 -3.60 29.79 33.27
N LYS A 24 -4.48 29.91 32.29
CA LYS A 24 -5.86 29.36 32.40
C LYS A 24 -5.81 27.86 32.71
N LEU A 25 -4.93 27.09 32.07
CA LEU A 25 -4.94 25.62 32.25
C LEU A 25 -4.08 25.21 33.46
N HIS A 26 -3.51 26.18 34.17
CA HIS A 26 -2.64 25.95 35.35
C HIS A 26 -1.46 25.05 34.96
N ILE A 27 -0.80 25.32 33.82
CA ILE A 27 0.41 24.56 33.35
C ILE A 27 1.55 25.54 33.08
N LEU A 28 1.44 26.76 33.55
CA LEU A 28 2.54 27.72 33.45
C LEU A 28 3.72 27.11 34.22
N GLY A 29 4.90 27.10 33.66
CA GLY A 29 6.01 26.51 34.44
C GLY A 29 6.03 25.02 34.33
N ARG A 30 5.16 24.42 33.52
CA ARG A 30 5.26 22.98 33.18
C ARG A 30 6.00 22.85 31.85
N LEU A 31 6.22 23.98 31.17
CA LEU A 31 6.80 24.02 29.79
C LEU A 31 7.89 25.07 29.78
N PRO A 32 8.90 24.96 28.90
CA PRO A 32 9.86 26.06 28.70
C PRO A 32 9.07 27.24 28.12
N PRO A 33 9.55 28.50 28.26
CA PRO A 33 8.69 29.66 28.03
C PRO A 33 8.34 30.05 26.57
N VAL A 34 9.11 29.59 25.60
CA VAL A 34 8.87 29.91 24.16
C VAL A 34 7.46 29.40 23.79
N VAL A 35 6.71 30.21 23.07
CA VAL A 35 5.44 29.77 22.47
C VAL A 35 5.67 29.62 20.97
N GLU A 36 5.30 28.47 20.45
CA GLU A 36 5.47 28.14 19.01
C GLU A 36 4.10 27.93 18.37
N THR A 37 4.03 28.17 17.06
CA THR A 37 2.93 27.66 16.24
C THR A 37 3.20 26.19 15.93
N LEU A 38 2.19 25.47 15.48
CA LEU A 38 2.38 24.07 15.02
C LEU A 38 3.41 24.01 13.90
N GLU A 39 3.39 24.95 12.94
CA GLU A 39 4.38 24.98 11.83
C GLU A 39 5.77 25.05 12.45
N GLU A 40 5.96 25.91 13.43
CA GLU A 40 7.30 26.05 14.10
C GLU A 40 7.66 24.72 14.80
N GLN A 41 6.69 24.08 15.45
CA GLN A 41 6.94 22.82 16.19
C GLN A 41 7.34 21.75 15.18
N VAL A 42 6.68 21.74 14.03
CA VAL A 42 7.00 20.76 12.96
C VAL A 42 8.45 20.97 12.50
N ALA A 43 8.88 22.20 12.24
CA ALA A 43 10.25 22.48 11.76
C ALA A 43 11.23 22.01 12.82
N ARG A 44 10.87 22.18 14.09
CA ARG A 44 11.75 21.82 15.21
C ARG A 44 11.90 20.30 15.26
N VAL A 45 10.77 19.60 15.22
CA VAL A 45 10.73 18.10 15.24
C VAL A 45 11.52 17.59 14.02
N TYR A 46 11.30 18.18 12.84
CA TYR A 46 12.03 17.76 11.62
C TYR A 46 13.56 17.88 11.87
N GLY A 47 14.06 18.97 12.45
CA GLY A 47 15.48 19.10 12.84
C GLY A 47 15.89 18.01 13.85
N GLN A 48 15.04 17.68 14.82
CA GLN A 48 15.38 16.66 15.85
C GLN A 48 15.53 15.29 15.13
N VAL A 49 14.66 14.96 14.17
CA VAL A 49 14.70 13.69 13.38
C VAL A 49 16.02 13.61 12.59
N LYS A 50 16.39 14.68 11.89
CA LYS A 50 17.59 14.73 11.00
C LYS A 50 18.89 14.78 11.82
N LYS A 51 18.82 14.98 13.13
CA LYS A 51 19.99 14.90 14.04
C LYS A 51 20.41 13.43 14.17
N TYR A 52 19.55 12.47 13.77
CA TYR A 52 19.86 11.02 13.78
C TYR A 52 20.19 10.63 12.34
N GLU A 53 21.22 9.79 12.14
CA GLU A 53 21.67 9.36 10.78
C GLU A 53 20.89 8.09 10.34
N LYS A 54 20.69 7.14 11.23
CA LYS A 54 20.13 5.82 10.85
C LYS A 54 18.59 5.88 10.89
N PRO A 55 17.91 5.27 9.89
CA PRO A 55 16.45 5.21 9.86
C PRO A 55 15.84 4.74 11.17
N ILE A 56 16.40 3.70 11.77
CA ILE A 56 15.82 3.11 13.00
C ILE A 56 15.81 4.17 14.12
N ASN A 57 16.88 4.95 14.23
CA ASN A 57 16.97 6.03 15.25
C ASN A 57 15.95 7.16 14.92
N ARG A 58 15.75 7.51 13.64
CA ARG A 58 14.74 8.51 13.26
C ARG A 58 13.35 7.99 13.67
N TYR A 59 13.09 6.70 13.43
CA TYR A 59 11.78 6.09 13.78
C TYR A 59 11.59 6.18 15.29
N GLN A 60 12.63 5.84 16.04
CA GLN A 60 12.59 5.82 17.52
C GLN A 60 12.18 7.20 18.04
N HIS A 61 12.79 8.26 17.49
CA HIS A 61 12.42 9.66 17.82
C HIS A 61 10.95 9.96 17.51
N LEU A 62 10.50 9.58 16.32
CA LEU A 62 9.11 9.82 15.89
C LEU A 62 8.13 9.09 16.81
N VAL A 63 8.52 7.91 17.35
CA VAL A 63 7.68 7.14 18.30
C VAL A 63 7.51 7.99 19.54
N SER A 64 8.58 8.63 20.04
CA SER A 64 8.46 9.44 21.29
C SER A 64 7.58 10.69 21.01
N VAL A 65 7.64 11.28 19.81
CA VAL A 65 6.76 12.45 19.47
C VAL A 65 5.28 11.98 19.48
N HIS A 66 4.99 10.87 18.83
CA HIS A 66 3.62 10.28 18.77
C HIS A 66 3.11 10.02 20.18
N SER A 67 3.97 9.51 21.09
CA SER A 67 3.52 9.20 22.46
C SER A 67 3.22 10.47 23.23
N THR A 68 3.76 11.63 22.86
CA THR A 68 3.63 12.88 23.67
C THR A 68 2.65 13.87 23.09
N ASN A 69 2.70 14.08 21.77
CA ASN A 69 1.90 15.08 21.03
C ASN A 69 1.53 14.48 19.68
N THR A 70 0.36 13.84 19.63
CA THR A 70 -0.11 13.06 18.44
C THR A 70 -0.39 13.99 17.27
N THR A 71 -0.94 15.16 17.54
CA THR A 71 -1.22 16.19 16.52
C THR A 71 0.12 16.62 15.90
N LEU A 72 1.14 16.84 16.72
CA LEU A 72 2.46 17.31 16.20
C LEU A 72 3.10 16.18 15.39
N TYR A 73 2.92 14.93 15.84
CA TYR A 73 3.49 13.78 15.09
C TYR A 73 2.92 13.76 13.65
N TYR A 74 1.59 13.67 13.51
CA TYR A 74 0.90 13.60 12.20
C TYR A 74 1.15 14.86 11.38
N ALA A 75 1.25 16.05 12.01
CA ALA A 75 1.60 17.31 11.31
C ALA A 75 2.98 17.19 10.68
N THR A 76 3.95 16.60 11.40
CA THR A 76 5.33 16.45 10.93
C THR A 76 5.36 15.47 9.76
N ILE A 77 4.66 14.34 9.83
CA ILE A 77 4.62 13.32 8.74
C ILE A 77 4.06 14.01 7.47
N LEU A 78 2.94 14.72 7.58
CA LEU A 78 2.30 15.38 6.39
C LEU A 78 3.18 16.48 5.78
N ALA A 79 3.97 17.20 6.55
CA ALA A 79 4.88 18.24 6.02
C ALA A 79 6.05 17.63 5.26
N HIS A 80 6.46 16.39 5.58
CA HIS A 80 7.67 15.70 5.07
C HIS A 80 7.32 14.29 4.61
N LEU A 81 6.18 14.12 3.94
CA LEU A 81 5.63 12.74 3.71
C LEU A 81 6.63 11.87 2.92
N GLU A 82 7.08 12.31 1.75
CA GLU A 82 7.91 11.46 0.87
C GLU A 82 9.14 10.99 1.66
N GLU A 83 9.73 11.89 2.44
CA GLU A 83 10.97 11.60 3.19
C GLU A 83 10.67 10.69 4.37
N MET A 84 9.56 10.91 5.10
CA MET A 84 9.22 10.10 6.31
C MET A 84 8.70 8.71 5.92
N LEU A 85 8.16 8.52 4.71
CA LEU A 85 7.45 7.25 4.39
C LEU A 85 8.33 6.03 4.63
N PRO A 86 9.60 6.04 4.15
CA PRO A 86 10.51 4.90 4.30
C PRO A 86 10.90 4.66 5.77
N ILE A 87 10.70 5.67 6.63
CA ILE A 87 11.05 5.56 8.07
C ILE A 87 9.86 4.97 8.85
N ILE A 88 8.63 5.43 8.59
CA ILE A 88 7.47 5.09 9.46
C ILE A 88 6.79 3.82 8.92
N TYR A 89 7.16 3.37 7.73
CA TYR A 89 6.69 2.05 7.21
C TYR A 89 7.83 1.36 6.46
N THR A 90 7.54 0.68 5.35
CA THR A 90 8.55 -0.15 4.64
C THR A 90 9.72 0.73 4.16
N PRO A 91 10.99 0.31 4.39
CA PRO A 91 11.34 -0.93 5.09
C PRO A 91 11.80 -0.83 6.55
N THR A 92 11.85 0.38 7.11
CA THR A 92 12.31 0.59 8.49
C THR A 92 11.40 -0.12 9.49
N VAL A 93 10.09 -0.10 9.29
CA VAL A 93 9.14 -0.65 10.30
C VAL A 93 9.43 -2.15 10.52
N GLY A 94 9.73 -2.93 9.48
CA GLY A 94 9.99 -4.37 9.61
C GLY A 94 11.30 -4.59 10.36
N GLU A 95 12.31 -3.74 10.11
CA GLU A 95 13.57 -3.78 10.89
C GLU A 95 13.26 -3.47 12.36
N ALA A 96 12.39 -2.51 12.66
CA ALA A 96 12.01 -2.17 14.06
C ALA A 96 11.26 -3.34 14.71
N CYS A 97 10.34 -3.98 13.98
CA CYS A 97 9.66 -5.21 14.45
C CYS A 97 10.70 -6.29 14.75
N MET A 98 11.65 -6.51 13.83
CA MET A 98 12.54 -7.71 13.92
C MET A 98 13.49 -7.56 15.12
N GLU A 99 14.05 -6.37 15.38
CA GLU A 99 15.21 -6.21 16.30
C GLU A 99 14.95 -5.18 17.39
N TYR A 100 13.88 -4.38 17.30
CA TYR A 100 13.60 -3.25 18.22
C TYR A 100 12.12 -3.25 18.59
N SER A 101 11.54 -4.43 18.79
CA SER A 101 10.09 -4.61 19.02
C SER A 101 9.61 -3.81 20.22
N HIS A 102 10.51 -3.48 21.17
CA HIS A 102 10.15 -2.63 22.33
C HIS A 102 9.64 -1.25 21.89
N LEU A 103 9.89 -0.84 20.64
CA LEU A 103 9.40 0.47 20.11
C LEU A 103 7.86 0.48 20.02
N PHE A 104 7.21 -0.70 20.07
CA PHE A 104 5.73 -0.85 19.91
C PHE A 104 5.03 -1.15 21.23
N PHE A 105 5.79 -1.33 22.33
CA PHE A 105 5.20 -1.78 23.63
C PHE A 105 4.10 -0.82 24.10
N ARG A 106 4.32 0.48 23.95
CA ARG A 106 3.46 1.52 24.57
C ARG A 106 2.20 1.74 23.71
N GLU A 107 2.19 1.22 22.49
CA GLU A 107 1.11 1.54 21.52
C GLU A 107 -0.13 0.72 21.81
N ARG A 108 -1.27 1.29 21.50
CA ARG A 108 -2.59 0.68 21.76
C ARG A 108 -2.81 -0.30 20.62
N GLY A 109 -2.81 -1.59 20.92
CA GLY A 109 -3.16 -2.66 19.98
C GLY A 109 -3.82 -3.84 20.67
N VAL A 110 -4.19 -4.84 19.87
CA VAL A 110 -4.92 -6.02 20.36
C VAL A 110 -4.18 -7.27 19.88
N TYR A 111 -3.89 -8.15 20.83
CA TYR A 111 -3.09 -9.39 20.70
C TYR A 111 -4.07 -10.55 20.86
N PHE A 112 -4.21 -11.36 19.82
CA PHE A 112 -5.00 -12.61 19.87
C PHE A 112 -4.04 -13.81 19.71
N ASN A 113 -4.44 -14.95 20.26
CA ASN A 113 -3.75 -16.25 20.11
C ASN A 113 -4.74 -17.37 20.52
N ARG A 114 -4.33 -18.63 20.34
CA ARG A 114 -5.16 -19.81 20.69
C ARG A 114 -5.50 -19.86 22.18
N LEU A 115 -4.69 -19.28 23.07
CA LEU A 115 -4.97 -19.35 24.52
C LEU A 115 -6.26 -18.60 24.82
N TYR A 116 -6.69 -17.68 23.93
CA TYR A 116 -7.87 -16.83 24.19
C TYR A 116 -9.03 -17.27 23.33
N LYS A 117 -9.00 -18.48 22.79
CA LYS A 117 -10.09 -19.05 21.98
C LYS A 117 -11.41 -18.90 22.73
N GLY A 118 -12.46 -18.46 22.05
CA GLY A 118 -13.79 -18.16 22.60
C GLY A 118 -13.87 -16.84 23.34
N GLN A 119 -12.77 -16.11 23.54
CA GLN A 119 -12.79 -14.84 24.32
C GLN A 119 -12.61 -13.64 23.37
N PHE A 120 -12.45 -13.85 22.05
CA PHE A 120 -12.02 -12.74 21.14
C PHE A 120 -12.97 -11.55 21.29
N ARG A 121 -14.28 -11.80 21.34
CA ARG A 121 -15.33 -10.76 21.43
C ARG A 121 -15.16 -9.99 22.75
N ASN A 122 -14.94 -10.71 23.87
CA ASN A 122 -14.75 -10.07 25.20
C ASN A 122 -13.53 -9.17 25.17
N ILE A 123 -12.45 -9.62 24.56
CA ILE A 123 -11.19 -8.87 24.48
C ILE A 123 -11.44 -7.59 23.67
N MET A 124 -12.22 -7.68 22.60
CA MET A 124 -12.53 -6.48 21.76
C MET A 124 -13.36 -5.48 22.58
N ARG A 125 -14.43 -5.96 23.22
CA ARG A 125 -15.28 -5.13 24.11
C ARG A 125 -14.39 -4.42 25.13
N ASP A 126 -13.50 -5.18 25.79
CA ASP A 126 -12.66 -4.63 26.89
C ASP A 126 -11.75 -3.54 26.38
N ALA A 127 -11.28 -3.60 25.12
CA ALA A 127 -10.36 -2.60 24.51
C ALA A 127 -10.97 -1.18 24.58
N GLY A 128 -12.29 -1.09 24.69
CA GLY A 128 -12.97 0.16 25.04
C GLY A 128 -12.87 1.20 23.93
N TYR A 129 -13.06 0.79 22.67
CA TYR A 129 -13.03 1.74 21.53
C TYR A 129 -14.48 2.17 21.23
N GLN A 130 -14.66 3.35 20.63
CA GLN A 130 -15.95 3.85 20.10
C GLN A 130 -15.93 3.81 18.56
N LYS A 131 -16.90 3.20 17.91
CA LYS A 131 -17.19 3.39 16.46
C LYS A 131 -15.88 3.31 15.65
N VAL A 132 -15.18 2.19 15.84
CA VAL A 132 -13.95 1.85 15.09
C VAL A 132 -14.24 1.84 13.58
N GLU A 133 -13.34 2.42 12.80
CA GLU A 133 -13.52 2.59 11.33
C GLU A 133 -12.57 1.67 10.59
N VAL A 134 -11.37 1.51 11.11
CA VAL A 134 -10.32 0.70 10.42
C VAL A 134 -9.67 -0.21 11.45
N VAL A 135 -9.46 -1.46 11.05
CA VAL A 135 -8.71 -2.51 11.78
C VAL A 135 -7.68 -3.12 10.83
N VAL A 136 -6.40 -3.00 11.14
CA VAL A 136 -5.32 -3.68 10.35
C VAL A 136 -4.85 -4.90 11.14
N ILE A 137 -4.93 -6.06 10.51
CA ILE A 137 -4.56 -7.35 11.15
C ILE A 137 -3.45 -7.98 10.32
N THR A 138 -2.44 -8.51 11.01
CA THR A 138 -1.38 -9.36 10.44
C THR A 138 -1.19 -10.58 11.35
N ASP A 139 -0.50 -11.60 10.87
CA ASP A 139 -0.01 -12.73 11.71
C ASP A 139 1.51 -12.73 11.74
N GLY A 140 2.14 -11.74 11.11
CA GLY A 140 3.60 -11.59 11.08
C GLY A 140 4.28 -12.59 10.15
N SER A 141 3.53 -13.27 9.26
CA SER A 141 4.06 -14.33 8.34
C SER A 141 4.88 -13.75 7.19
N ARG A 142 4.56 -12.52 6.76
CA ARG A 142 5.23 -11.67 5.72
C ARG A 142 4.73 -12.07 4.33
N ILE A 143 4.17 -11.11 3.61
CA ILE A 143 3.79 -11.31 2.17
C ILE A 143 4.99 -11.83 1.36
N LEU A 144 6.20 -11.32 1.58
CA LEU A 144 7.40 -11.67 0.77
C LEU A 144 8.12 -12.87 1.38
N GLY A 145 7.54 -13.46 2.45
CA GLY A 145 8.06 -14.62 3.19
C GLY A 145 9.48 -14.44 3.70
N LEU A 146 9.97 -13.21 3.92
CA LEU A 146 11.31 -12.97 4.57
C LEU A 146 11.06 -12.42 5.98
N GLY A 147 11.75 -12.96 6.97
CA GLY A 147 11.72 -12.44 8.33
C GLY A 147 10.35 -12.60 8.97
N ASP A 148 9.89 -13.84 9.12
CA ASP A 148 8.82 -14.20 10.08
C ASP A 148 8.96 -13.36 11.38
N LEU A 149 7.97 -12.53 11.69
CA LEU A 149 8.03 -11.63 12.87
C LEU A 149 7.20 -12.16 14.02
N GLY A 150 6.39 -13.21 13.79
CA GLY A 150 5.48 -13.67 14.86
C GLY A 150 4.68 -12.54 15.47
N SER A 151 4.55 -12.57 16.80
CA SER A 151 3.90 -11.54 17.65
C SER A 151 4.41 -10.14 17.29
N ASN A 152 5.70 -10.01 16.96
CA ASN A 152 6.35 -8.70 16.67
C ASN A 152 5.71 -8.09 15.41
N GLY A 153 4.96 -8.86 14.64
CA GLY A 153 4.16 -8.32 13.52
C GLY A 153 3.19 -7.24 13.98
N ILE A 154 2.90 -7.11 15.29
CA ILE A 154 2.02 -5.99 15.80
C ILE A 154 2.54 -4.64 15.26
N GLY A 155 3.86 -4.47 15.11
CA GLY A 155 4.48 -3.23 14.65
C GLY A 155 4.07 -2.88 13.23
N ILE A 156 3.88 -3.88 12.39
CA ILE A 156 3.38 -3.72 11.01
C ILE A 156 1.95 -3.17 11.04
N SER A 157 1.05 -3.77 11.81
CA SER A 157 -0.34 -3.25 11.94
C SER A 157 -0.29 -1.81 12.49
N ILE A 158 0.53 -1.54 13.51
CA ILE A 158 0.65 -0.17 14.08
C ILE A 158 1.10 0.81 12.98
N GLY A 159 2.17 0.49 12.24
CA GLY A 159 2.64 1.39 11.18
C GLY A 159 1.58 1.58 10.10
N LYS A 160 0.84 0.53 9.74
CA LYS A 160 -0.17 0.61 8.66
C LYS A 160 -1.33 1.50 9.10
N CYS A 161 -1.82 1.31 10.32
CA CYS A 161 -2.89 2.15 10.92
C CYS A 161 -2.48 3.63 10.86
N SER A 162 -1.22 3.97 11.17
CA SER A 162 -0.76 5.37 11.16
C SER A 162 -0.82 5.91 9.73
N LEU A 163 -0.63 5.08 8.68
CA LEU A 163 -0.76 5.58 7.28
C LEU A 163 -2.23 5.87 6.94
N TYR A 164 -3.23 5.17 7.46
CA TYR A 164 -4.65 5.55 7.28
C TYR A 164 -4.88 6.95 7.91
N VAL A 165 -4.39 7.18 9.12
CA VAL A 165 -4.59 8.47 9.85
C VAL A 165 -3.95 9.59 9.04
N ALA A 166 -2.70 9.42 8.62
CA ALA A 166 -1.96 10.49 7.90
C ALA A 166 -2.53 10.67 6.49
N GLY A 167 -2.82 9.57 5.78
CA GLY A 167 -3.20 9.59 4.36
C GLY A 167 -4.66 9.98 4.13
N ALA A 168 -5.59 9.54 4.97
CA ALA A 168 -7.03 9.76 4.74
C ALA A 168 -7.72 10.40 5.96
N GLY A 169 -7.00 10.87 6.96
CA GLY A 169 -7.66 11.49 8.14
C GLY A 169 -8.68 10.55 8.78
N ILE A 170 -8.38 9.27 8.83
CA ILE A 170 -9.02 8.38 9.84
C ILE A 170 -8.63 8.93 11.22
N ASP A 171 -9.62 9.21 12.07
CA ASP A 171 -9.35 9.78 13.40
C ASP A 171 -8.45 8.79 14.14
N PRO A 172 -7.33 9.21 14.75
CA PRO A 172 -6.41 8.26 15.39
C PRO A 172 -7.03 7.43 16.53
N ARG A 173 -8.15 7.83 17.07
CA ARG A 173 -8.87 7.08 18.12
C ARG A 173 -9.73 5.99 17.51
N LEU A 174 -9.94 5.98 16.18
CA LEU A 174 -10.96 5.09 15.55
C LEU A 174 -10.27 4.02 14.71
N ILE A 175 -9.01 3.77 15.00
CA ILE A 175 -8.22 2.75 14.24
C ILE A 175 -7.56 1.78 15.24
N VAL A 176 -7.53 0.50 14.90
CA VAL A 176 -7.06 -0.58 15.80
C VAL A 176 -6.05 -1.45 15.08
N PRO A 177 -4.82 -1.53 15.61
CA PRO A 177 -3.83 -2.50 15.11
C PRO A 177 -3.96 -3.83 15.86
N VAL A 178 -3.87 -4.93 15.12
CA VAL A 178 -4.16 -6.28 15.63
C VAL A 178 -3.03 -7.20 15.18
N ILE A 179 -2.60 -8.05 16.12
CA ILE A 179 -1.73 -9.21 15.82
C ILE A 179 -2.52 -10.46 16.15
N LEU A 180 -2.68 -11.34 15.16
CA LEU A 180 -3.16 -12.71 15.38
C LEU A 180 -1.92 -13.58 15.46
N ASP A 181 -1.49 -13.88 16.68
CA ASP A 181 -0.28 -14.69 16.91
C ASP A 181 -0.71 -16.16 16.83
N VAL A 182 -0.37 -16.82 15.72
CA VAL A 182 -0.65 -18.25 15.48
C VAL A 182 0.68 -18.99 15.46
N GLY A 183 1.66 -18.44 16.19
CA GLY A 183 3.03 -18.97 16.24
C GLY A 183 3.97 -18.27 15.28
N THR A 184 5.20 -18.79 15.25
CA THR A 184 6.27 -18.29 14.39
C THR A 184 7.19 -19.45 14.01
N ASN A 185 7.72 -19.38 12.79
CA ASN A 185 8.75 -20.33 12.29
C ASN A 185 10.12 -19.66 12.33
N ASN A 186 10.22 -18.49 12.96
CA ASN A 186 11.47 -17.76 13.18
C ASN A 186 12.27 -18.50 14.26
N GLU A 187 13.33 -19.18 13.85
CA GLU A 187 14.11 -20.09 14.74
C GLU A 187 14.76 -19.27 15.84
N ARG A 188 15.26 -18.08 15.53
CA ARG A 188 15.91 -17.23 16.55
C ARG A 188 14.90 -16.92 17.66
N TYR A 189 13.74 -16.43 17.26
CA TYR A 189 12.60 -16.14 18.19
C TYR A 189 12.26 -17.38 19.01
N LEU A 190 12.12 -18.56 18.38
CA LEU A 190 11.64 -19.78 19.12
C LEU A 190 12.61 -20.05 20.29
N GLN A 191 13.88 -19.62 20.16
CA GLN A 191 14.95 -19.86 21.17
C GLN A 191 15.24 -18.60 21.98
N ASP A 192 14.61 -17.47 21.65
CA ASP A 192 14.97 -16.20 22.30
C ASP A 192 14.25 -16.08 23.65
N LYS A 193 15.00 -15.92 24.74
CA LYS A 193 14.42 -15.82 26.10
C LYS A 193 13.53 -14.58 26.19
N ASP A 194 13.73 -13.60 25.32
CA ASP A 194 13.01 -12.31 25.39
C ASP A 194 11.86 -12.22 24.38
N TYR A 195 11.59 -13.27 23.62
CA TYR A 195 10.39 -13.32 22.75
C TYR A 195 9.16 -13.48 23.64
N LEU A 196 8.16 -12.64 23.42
CA LEU A 196 7.01 -12.47 24.36
C LEU A 196 5.78 -13.07 23.70
N GLY A 197 5.92 -13.65 22.51
CA GLY A 197 4.81 -14.22 21.76
C GLY A 197 4.58 -15.69 22.06
N MET A 198 3.73 -16.33 21.27
CA MET A 198 3.47 -17.81 21.37
C MET A 198 4.70 -18.56 20.86
N ARG A 199 5.38 -19.30 21.75
CA ARG A 199 6.65 -19.95 21.44
C ARG A 199 6.36 -21.36 20.87
N GLU A 200 5.94 -21.38 19.64
CA GLU A 200 5.58 -22.60 18.90
C GLU A 200 5.56 -22.25 17.43
N LYS A 201 5.81 -23.26 16.61
CA LYS A 201 5.75 -23.18 15.15
C LYS A 201 4.32 -22.81 14.74
N ARG A 202 4.16 -22.25 13.56
CA ARG A 202 2.87 -21.73 13.06
C ARG A 202 1.87 -22.89 13.04
N LEU A 203 0.67 -22.61 13.48
CA LEU A 203 -0.48 -23.52 13.50
C LEU A 203 -0.81 -23.95 12.08
N GLY A 204 -1.35 -25.16 11.93
CA GLY A 204 -1.84 -25.66 10.65
C GLY A 204 -3.09 -24.93 10.20
N ASP A 205 -3.51 -25.17 8.96
CA ASP A 205 -4.57 -24.35 8.32
C ASP A 205 -5.87 -24.46 9.10
N GLU A 206 -6.23 -25.64 9.58
CA GLU A 206 -7.53 -25.84 10.24
C GLU A 206 -7.62 -24.98 11.51
N GLU A 207 -6.59 -25.02 12.34
CA GLU A 207 -6.61 -24.22 13.59
C GLU A 207 -6.46 -22.73 13.23
N PHE A 208 -5.66 -22.40 12.23
CA PHE A 208 -5.45 -21.02 11.72
C PHE A 208 -6.82 -20.41 11.42
N TYR A 209 -7.63 -21.11 10.63
CA TYR A 209 -8.95 -20.62 10.17
C TYR A 209 -9.95 -20.62 11.32
N GLU A 210 -9.87 -21.54 12.28
CA GLU A 210 -10.77 -21.48 13.46
C GLU A 210 -10.57 -20.15 14.16
N LEU A 211 -9.32 -19.74 14.34
CA LEU A 211 -8.98 -18.55 15.15
C LEU A 211 -9.33 -17.31 14.29
N LEU A 212 -9.02 -17.35 13.00
CA LEU A 212 -9.27 -16.17 12.13
C LEU A 212 -10.77 -16.02 11.88
N ASP A 213 -11.53 -17.11 11.76
CA ASP A 213 -13.02 -17.06 11.72
C ASP A 213 -13.54 -16.38 12.98
N GLU A 214 -13.02 -16.74 14.15
CA GLU A 214 -13.53 -16.18 15.41
C GLU A 214 -13.22 -14.67 15.41
N PHE A 215 -12.05 -14.31 14.91
CA PHE A 215 -11.64 -12.88 14.83
C PHE A 215 -12.63 -12.13 13.94
N MET A 216 -12.95 -12.65 12.76
CA MET A 216 -13.76 -11.92 11.77
C MET A 216 -15.17 -11.73 12.36
N GLU A 217 -15.69 -12.77 13.02
CA GLU A 217 -17.07 -12.78 13.54
C GLU A 217 -17.15 -11.84 14.74
N ALA A 218 -16.19 -11.90 15.64
CA ALA A 218 -16.10 -11.05 16.85
C ALA A 218 -16.07 -9.61 16.40
N ALA A 219 -15.14 -9.28 15.50
CA ALA A 219 -14.96 -7.93 14.92
C ALA A 219 -16.24 -7.42 14.25
N SER A 220 -16.90 -8.26 13.44
N SER A 220 -16.89 -8.28 13.46
CA SER A 220 -18.14 -7.87 12.74
CA SER A 220 -18.15 -7.96 12.73
C SER A 220 -19.22 -7.48 13.76
C SER A 220 -19.26 -7.57 13.72
N ALA A 221 -19.22 -8.10 14.94
CA ALA A 221 -20.24 -7.87 15.98
C ALA A 221 -19.84 -6.69 16.88
N GLU A 222 -18.58 -6.60 17.28
CA GLU A 222 -18.17 -5.60 18.30
C GLU A 222 -17.72 -4.33 17.60
N TRP A 223 -17.17 -4.43 16.38
CA TRP A 223 -16.72 -3.26 15.59
C TRP A 223 -17.44 -3.26 14.24
N PRO A 224 -18.78 -3.14 14.22
CA PRO A 224 -19.55 -3.37 13.00
C PRO A 224 -19.29 -2.31 11.93
N ASN A 225 -18.78 -1.12 12.30
CA ASN A 225 -18.57 -0.01 11.34
C ASN A 225 -17.17 -0.15 10.70
N ALA A 226 -16.36 -1.14 11.10
CA ALA A 226 -14.93 -1.17 10.76
C ALA A 226 -14.75 -1.76 9.36
N VAL A 227 -13.73 -1.33 8.66
CA VAL A 227 -13.13 -2.10 7.51
C VAL A 227 -12.00 -2.95 8.09
N ILE A 228 -11.94 -4.22 7.70
CA ILE A 228 -10.90 -5.14 8.19
C ILE A 228 -9.88 -5.21 7.06
N GLN A 229 -8.66 -4.76 7.29
CA GLN A 229 -7.64 -4.84 6.22
C GLN A 229 -6.56 -5.85 6.62
N PHE A 230 -6.36 -6.87 5.81
CA PHE A 230 -5.30 -7.88 5.96
C PHE A 230 -4.00 -7.30 5.44
N GLU A 231 -2.95 -7.37 6.26
CA GLU A 231 -1.62 -6.81 5.92
C GLU A 231 -0.57 -7.91 6.13
N ASP A 232 0.28 -8.15 5.12
CA ASP A 232 1.58 -8.86 5.28
C ASP A 232 1.30 -10.29 5.72
N PHE A 233 0.24 -10.90 5.18
CA PHE A 233 0.04 -12.35 5.24
C PHE A 233 0.83 -13.03 4.11
N SER A 234 1.40 -14.21 4.41
CA SER A 234 2.15 -15.07 3.46
C SER A 234 1.21 -15.58 2.36
N ASN A 235 1.78 -15.93 1.21
CA ASN A 235 1.08 -16.37 -0.03
C ASN A 235 0.29 -17.64 0.19
N ASN A 236 0.70 -18.51 1.13
CA ASN A 236 -0.05 -19.75 1.44
C ASN A 236 -1.44 -19.37 2.01
N HIS A 237 -1.63 -18.17 2.54
CA HIS A 237 -2.93 -17.81 3.16
C HIS A 237 -3.60 -16.57 2.53
N CYS A 238 -2.85 -15.61 2.00
CA CYS A 238 -3.43 -14.25 1.78
C CYS A 238 -4.57 -14.31 0.74
N PHE A 239 -4.41 -15.09 -0.34
CA PHE A 239 -5.41 -15.25 -1.43
C PHE A 239 -6.59 -16.04 -0.89
N ASP A 240 -6.35 -17.15 -0.19
CA ASP A 240 -7.43 -17.99 0.40
C ASP A 240 -8.23 -17.20 1.43
N ILE A 241 -7.58 -16.37 2.24
CA ILE A 241 -8.30 -15.49 3.21
C ILE A 241 -9.33 -14.63 2.44
N MET A 242 -8.93 -14.00 1.33
CA MET A 242 -9.87 -13.07 0.64
C MET A 242 -11.02 -13.90 0.06
N GLU A 243 -10.71 -15.06 -0.51
CA GLU A 243 -11.75 -15.96 -1.04
C GLU A 243 -12.71 -16.34 0.10
N ARG A 244 -12.21 -16.57 1.29
CA ARG A 244 -13.07 -17.05 2.41
C ARG A 244 -13.98 -15.93 2.92
N TYR A 245 -13.51 -14.69 2.94
CA TYR A 245 -14.22 -13.61 3.68
C TYR A 245 -14.77 -12.48 2.79
N GLN A 246 -14.38 -12.34 1.53
CA GLN A 246 -14.62 -11.08 0.77
C GLN A 246 -16.11 -10.75 0.75
N LYS A 247 -17.00 -11.75 0.60
CA LYS A 247 -18.47 -11.51 0.47
C LYS A 247 -19.13 -11.32 1.84
N LYS A 248 -18.61 -11.98 2.86
CA LYS A 248 -19.28 -12.08 4.19
C LYS A 248 -18.88 -10.93 5.12
N TYR A 249 -17.73 -10.27 4.91
CA TYR A 249 -17.23 -9.22 5.83
C TYR A 249 -16.73 -8.05 5.02
N ARG A 250 -16.63 -6.91 5.69
CA ARG A 250 -16.14 -5.67 5.07
C ARG A 250 -14.62 -5.74 5.15
N CYS A 251 -13.96 -6.36 4.17
CA CYS A 251 -12.51 -6.60 4.28
C CYS A 251 -11.81 -6.50 2.93
N PHE A 252 -10.53 -6.19 2.99
CA PHE A 252 -9.64 -6.22 1.80
C PHE A 252 -8.19 -6.49 2.23
N ASN A 253 -7.37 -6.85 1.25
CA ASN A 253 -5.91 -7.07 1.42
C ASN A 253 -5.16 -6.05 0.56
N ASP A 254 -4.39 -5.18 1.19
CA ASP A 254 -3.72 -4.08 0.51
C ASP A 254 -2.61 -4.61 -0.40
N ASP A 255 -1.83 -5.60 0.05
CA ASP A 255 -0.73 -6.19 -0.74
C ASP A 255 -1.24 -6.69 -2.11
N ILE A 256 -2.34 -7.43 -2.13
CA ILE A 256 -2.96 -7.96 -3.36
C ILE A 256 -3.69 -6.81 -4.09
N GLN A 257 -4.76 -6.31 -3.47
CA GLN A 257 -5.78 -5.48 -4.16
C GLN A 257 -5.29 -4.06 -4.28
N GLY A 258 -4.70 -3.48 -3.22
CA GLY A 258 -4.11 -2.13 -3.30
C GLY A 258 -3.02 -2.01 -4.34
N THR A 259 -2.05 -2.92 -4.33
CA THR A 259 -0.88 -2.85 -5.25
C THR A 259 -1.39 -2.80 -6.69
N GLY A 260 -2.26 -3.70 -7.06
CA GLY A 260 -2.76 -3.75 -8.44
C GLY A 260 -3.53 -2.51 -8.84
N ALA A 261 -4.32 -1.93 -7.93
CA ALA A 261 -5.08 -0.68 -8.17
C ALA A 261 -4.09 0.44 -8.47
N VAL A 262 -3.05 0.57 -7.68
CA VAL A 262 -2.04 1.66 -7.83
C VAL A 262 -1.25 1.47 -9.13
N ILE A 263 -0.78 0.26 -9.38
CA ILE A 263 0.10 0.00 -10.55
C ILE A 263 -0.73 0.20 -11.82
N ALA A 264 -1.99 -0.28 -11.85
CA ALA A 264 -2.84 -0.11 -13.04
C ALA A 264 -3.02 1.38 -13.35
N ALA A 265 -3.30 2.21 -12.34
CA ALA A 265 -3.55 3.66 -12.53
C ALA A 265 -2.33 4.28 -13.17
N GLY A 266 -1.13 4.01 -12.65
CA GLY A 266 0.12 4.57 -13.16
C GLY A 266 0.39 4.10 -14.58
N PHE A 267 0.19 2.82 -14.80
CA PHE A 267 0.48 2.19 -16.11
C PHE A 267 -0.39 2.81 -17.21
N LEU A 268 -1.71 2.96 -16.97
N LEU A 268 -1.70 3.01 -16.98
CA LEU A 268 -2.63 3.64 -17.92
CA LEU A 268 -2.57 3.63 -18.01
C LEU A 268 -2.06 5.01 -18.29
C LEU A 268 -2.16 5.07 -18.29
N ASN A 269 -1.68 5.82 -17.31
CA ASN A 269 -1.09 7.17 -17.56
C ASN A 269 0.23 7.02 -18.35
N ALA A 270 1.08 6.05 -18.05
CA ALA A 270 2.29 5.76 -18.87
C ALA A 270 1.86 5.50 -20.31
N ILE A 271 0.79 4.73 -20.54
CA ILE A 271 0.27 4.46 -21.91
C ILE A 271 -0.15 5.79 -22.56
N LYS A 272 -0.91 6.64 -21.87
CA LYS A 272 -1.32 7.94 -22.41
C LYS A 272 -0.07 8.71 -22.84
N LEU A 273 0.96 8.79 -22.01
CA LEU A 273 2.17 9.55 -22.38
C LEU A 273 2.93 8.89 -23.53
N SER A 274 2.86 7.57 -23.68
CA SER A 274 3.76 6.79 -24.56
C SER A 274 3.51 7.12 -26.05
N GLY A 275 2.33 7.59 -26.42
CA GLY A 275 1.87 7.61 -27.82
C GLY A 275 1.14 6.32 -28.19
N VAL A 276 1.77 5.17 -27.86
CA VAL A 276 1.35 3.77 -28.13
C VAL A 276 0.14 3.44 -27.25
N SER A 277 -1.05 3.45 -27.85
CA SER A 277 -2.39 3.23 -27.20
C SER A 277 -2.54 1.80 -26.66
N PRO A 278 -3.51 1.52 -25.76
CA PRO A 278 -3.53 0.24 -25.05
C PRO A 278 -3.56 -1.00 -25.94
N LEU A 279 -4.31 -0.96 -27.06
CA LEU A 279 -4.37 -2.15 -27.95
C LEU A 279 -3.11 -2.26 -28.81
N GLN A 280 -2.26 -1.22 -28.86
CA GLN A 280 -0.97 -1.24 -29.61
C GLN A 280 0.15 -1.65 -28.66
N GLN A 281 -0.10 -1.73 -27.36
CA GLN A 281 0.97 -2.06 -26.39
C GLN A 281 1.24 -3.56 -26.54
N ARG A 282 2.52 -3.92 -26.38
CA ARG A 282 3.02 -5.30 -26.26
C ARG A 282 3.81 -5.38 -24.95
N ILE A 283 3.22 -6.02 -23.97
CA ILE A 283 3.67 -5.88 -22.57
C ILE A 283 4.32 -7.20 -22.14
N VAL A 284 5.62 -7.17 -21.88
CA VAL A 284 6.30 -8.28 -21.14
C VAL A 284 6.04 -8.13 -19.64
N VAL A 285 5.45 -9.16 -19.05
CA VAL A 285 5.19 -9.25 -17.61
C VAL A 285 6.24 -10.18 -17.08
N PHE A 286 7.34 -9.61 -16.63
CA PHE A 286 8.48 -10.38 -16.09
C PHE A 286 8.16 -10.80 -14.66
N GLY A 287 7.78 -12.06 -14.48
CA GLY A 287 7.36 -12.61 -13.18
C GLY A 287 5.94 -13.11 -13.31
N ALA A 288 5.62 -14.29 -12.76
CA ALA A 288 4.33 -14.98 -13.07
C ALA A 288 3.70 -15.56 -11.81
N GLY A 289 4.05 -15.04 -10.64
CA GLY A 289 3.34 -15.34 -9.38
C GLY A 289 1.90 -14.88 -9.44
N SER A 290 1.05 -15.34 -8.54
CA SER A 290 -0.37 -14.91 -8.42
C SER A 290 -0.46 -13.39 -8.38
N ALA A 291 0.45 -12.73 -7.66
CA ALA A 291 0.43 -11.25 -7.50
C ALA A 291 0.66 -10.60 -8.85
N ALA A 292 1.69 -11.03 -9.59
CA ALA A 292 2.09 -10.43 -10.88
C ALA A 292 0.92 -10.53 -11.86
N VAL A 293 0.29 -11.70 -11.87
CA VAL A 293 -0.86 -11.98 -12.77
C VAL A 293 -2.04 -11.11 -12.31
N GLY A 294 -2.28 -10.99 -10.98
CA GLY A 294 -3.29 -10.08 -10.41
C GLY A 294 -3.13 -8.65 -10.94
N VAL A 295 -1.89 -8.12 -10.97
CA VAL A 295 -1.57 -6.76 -11.46
C VAL A 295 -1.93 -6.68 -12.94
N ALA A 296 -1.50 -7.65 -13.74
CA ALA A 296 -1.84 -7.69 -15.20
C ALA A 296 -3.36 -7.63 -15.40
N ASN A 297 -4.10 -8.45 -14.70
CA ASN A 297 -5.56 -8.52 -14.77
C ASN A 297 -6.15 -7.18 -14.34
N ASN A 298 -5.58 -6.54 -13.33
CA ASN A 298 -6.09 -5.22 -12.84
C ASN A 298 -5.87 -4.16 -13.92
N ILE A 299 -4.74 -4.20 -14.64
CA ILE A 299 -4.47 -3.30 -15.79
C ILE A 299 -5.54 -3.51 -16.86
N ALA A 300 -5.76 -4.77 -17.24
CA ALA A 300 -6.78 -5.13 -18.25
C ALA A 300 -8.15 -4.60 -17.82
N ALA A 301 -8.58 -4.90 -16.60
CA ALA A 301 -9.90 -4.47 -16.07
C ALA A 301 -10.03 -2.95 -16.10
N LEU A 302 -8.96 -2.22 -15.77
CA LEU A 302 -9.02 -0.76 -15.72
C LEU A 302 -9.14 -0.23 -17.16
N ALA A 303 -8.34 -0.76 -18.10
CA ALA A 303 -8.38 -0.30 -19.50
C ALA A 303 -9.79 -0.58 -20.05
N ALA A 304 -10.37 -1.71 -19.71
CA ALA A 304 -11.74 -2.06 -20.15
C ALA A 304 -12.75 -1.04 -19.61
N ARG A 305 -12.63 -0.66 -18.34
CA ARG A 305 -13.56 0.30 -17.70
C ARG A 305 -13.40 1.66 -18.35
N MET A 306 -12.18 2.14 -18.55
CA MET A 306 -11.99 3.55 -18.92
C MET A 306 -12.27 3.73 -20.41
N TYR A 307 -12.04 2.68 -21.23
CA TYR A 307 -11.98 2.79 -22.70
C TYR A 307 -12.97 1.86 -23.39
N LYS A 308 -13.58 0.91 -22.69
CA LYS A 308 -14.54 -0.08 -23.28
C LYS A 308 -13.91 -0.79 -24.47
N PHE A 309 -12.60 -1.08 -24.45
CA PHE A 309 -12.04 -2.18 -25.29
C PHE A 309 -12.52 -3.51 -24.76
N PRO A 310 -12.80 -4.49 -25.63
CA PRO A 310 -13.09 -5.84 -25.15
C PRO A 310 -11.91 -6.30 -24.30
N VAL A 311 -12.17 -6.79 -23.09
CA VAL A 311 -11.10 -7.28 -22.19
C VAL A 311 -10.29 -8.41 -22.86
N GLN A 312 -10.90 -9.32 -23.63
CA GLN A 312 -10.15 -10.38 -24.34
C GLN A 312 -9.00 -9.77 -25.14
N ASP A 313 -9.26 -8.65 -25.84
CA ASP A 313 -8.28 -7.95 -26.69
C ASP A 313 -7.19 -7.35 -25.82
N LEU A 314 -7.52 -6.80 -24.63
CA LEU A 314 -6.48 -6.25 -23.73
C LEU A 314 -5.61 -7.40 -23.18
N VAL A 315 -6.20 -8.54 -22.84
CA VAL A 315 -5.44 -9.71 -22.28
C VAL A 315 -4.40 -10.13 -23.33
N LYS A 316 -4.72 -10.06 -24.62
CA LYS A 316 -3.76 -10.43 -25.69
C LYS A 316 -2.62 -9.42 -25.84
N THR A 317 -2.56 -8.33 -25.06
CA THR A 317 -1.39 -7.41 -25.09
C THR A 317 -0.31 -7.94 -24.15
N PHE A 318 -0.59 -8.96 -23.34
CA PHE A 318 0.32 -9.38 -22.26
C PHE A 318 1.11 -10.61 -22.70
N TYR A 319 2.41 -10.57 -22.43
CA TYR A 319 3.38 -11.68 -22.64
C TYR A 319 3.99 -12.01 -21.27
N LEU A 320 3.46 -13.07 -20.65
CA LEU A 320 3.81 -13.48 -19.28
C LEU A 320 5.10 -14.31 -19.31
N VAL A 321 6.08 -13.96 -18.47
CA VAL A 321 7.37 -14.71 -18.41
C VAL A 321 7.52 -15.25 -16.99
N ASP A 322 7.53 -16.57 -16.88
CA ASP A 322 7.84 -17.26 -15.60
C ASP A 322 9.31 -17.71 -15.62
N THR A 323 9.76 -18.45 -14.62
CA THR A 323 11.15 -18.96 -14.52
C THR A 323 11.49 -19.85 -15.73
N LYS A 324 10.51 -20.51 -16.38
CA LYS A 324 10.82 -21.41 -17.54
C LYS A 324 10.89 -20.62 -18.85
N GLY A 325 10.26 -19.43 -18.92
CA GLY A 325 10.31 -18.60 -20.13
C GLY A 325 8.93 -18.05 -20.44
N LEU A 326 8.68 -17.71 -21.72
CA LEU A 326 7.39 -17.16 -22.19
C LEU A 326 6.32 -18.22 -21.90
N VAL A 327 5.26 -17.85 -21.19
CA VAL A 327 4.11 -18.73 -20.91
C VAL A 327 3.27 -18.83 -22.19
N THR A 328 3.21 -20.05 -22.76
CA THR A 328 2.47 -20.34 -24.02
C THR A 328 1.72 -21.64 -23.82
N THR A 329 0.70 -21.87 -24.64
CA THR A 329 -0.10 -23.11 -24.64
C THR A 329 0.67 -24.26 -25.33
N THR A 330 1.75 -23.96 -26.05
CA THR A 330 2.48 -24.95 -26.90
C THR A 330 3.80 -25.37 -26.26
N ARG A 331 4.08 -24.92 -25.05
CA ARG A 331 5.40 -25.02 -24.37
C ARG A 331 5.62 -26.46 -23.86
N GLY A 332 4.56 -27.19 -23.48
CA GLY A 332 4.63 -28.63 -23.16
C GLY A 332 4.44 -28.95 -21.69
N ASP A 333 4.46 -27.96 -20.80
CA ASP A 333 4.24 -28.15 -19.35
C ASP A 333 2.76 -27.98 -19.05
N GLN A 334 2.35 -28.43 -17.87
CA GLN A 334 1.01 -28.20 -17.27
C GLN A 334 1.09 -26.87 -16.51
N LEU A 335 0.36 -25.86 -16.99
CA LEU A 335 0.45 -24.49 -16.41
C LEU A 335 -0.41 -24.43 -15.13
N ALA A 336 0.12 -23.85 -14.05
CA ALA A 336 -0.65 -23.34 -12.89
C ALA A 336 -1.88 -22.55 -13.37
N ALA A 337 -3.00 -22.65 -12.63
CA ALA A 337 -4.30 -22.07 -13.03
C ALA A 337 -4.14 -20.57 -13.37
N HIS A 338 -3.41 -19.83 -12.55
CA HIS A 338 -3.28 -18.35 -12.70
C HIS A 338 -2.48 -18.00 -13.96
N LYS A 339 -1.69 -18.93 -14.50
CA LYS A 339 -0.85 -18.63 -15.70
C LYS A 339 -1.64 -18.89 -16.98
N LYS A 340 -2.72 -19.66 -16.95
CA LYS A 340 -3.42 -20.15 -18.19
C LYS A 340 -4.08 -19.00 -18.95
N LEU A 341 -4.67 -18.04 -18.22
CA LEU A 341 -5.46 -16.93 -18.80
C LEU A 341 -4.54 -16.08 -19.69
N LEU A 342 -3.27 -15.88 -19.30
CA LEU A 342 -2.34 -14.94 -19.99
C LEU A 342 -1.41 -15.71 -20.95
N ALA A 343 -1.58 -17.02 -21.04
CA ALA A 343 -0.74 -17.89 -21.90
C ALA A 343 -0.98 -17.48 -23.35
N ARG A 344 0.09 -17.25 -24.09
CA ARG A 344 0.02 -17.08 -25.56
C ARG A 344 -0.61 -18.35 -26.15
N THR A 345 -1.52 -18.17 -27.12
CA THR A 345 -2.14 -19.22 -27.95
C THR A 345 -1.58 -19.11 -29.36
N ASP A 346 -0.81 -18.04 -29.64
CA ASP A 346 -0.35 -17.63 -30.99
C ASP A 346 1.17 -17.92 -31.16
N VAL A 347 1.75 -18.76 -30.32
CA VAL A 347 3.20 -19.08 -30.39
C VAL A 347 3.33 -20.62 -30.46
N SER A 348 4.04 -21.07 -31.50
CA SER A 348 4.31 -22.49 -31.85
C SER A 348 5.16 -23.17 -30.77
N ALA A 349 5.03 -24.49 -30.64
CA ALA A 349 5.87 -25.36 -29.78
C ALA A 349 7.34 -25.04 -30.07
N GLU A 350 7.71 -24.87 -31.34
CA GLU A 350 9.13 -24.73 -31.82
C GLU A 350 9.62 -23.34 -31.39
N ASP A 351 8.76 -22.33 -31.50
CA ASP A 351 9.13 -20.95 -31.06
C ASP A 351 9.23 -20.95 -29.52
N SER A 352 8.30 -21.61 -28.80
CA SER A 352 8.30 -21.70 -27.32
C SER A 352 9.63 -22.25 -26.81
N ALA A 353 10.17 -23.29 -27.46
CA ALA A 353 11.44 -23.97 -27.10
C ALA A 353 12.60 -22.97 -27.15
N LYS A 354 12.50 -21.93 -27.97
CA LYS A 354 13.58 -20.92 -28.16
C LYS A 354 13.22 -19.60 -27.48
N LEU A 355 12.28 -19.62 -26.52
CA LEU A 355 11.82 -18.42 -25.79
C LEU A 355 11.94 -18.66 -24.29
N ARG A 356 13.19 -18.73 -23.82
CA ARG A 356 13.49 -19.12 -22.42
C ARG A 356 14.19 -17.96 -21.70
N THR A 357 15.19 -17.31 -22.31
CA THR A 357 15.92 -16.19 -21.67
C THR A 357 15.14 -14.90 -21.92
N LEU A 358 15.24 -13.94 -21.01
CA LEU A 358 14.46 -12.69 -21.21
C LEU A 358 14.97 -11.98 -22.46
N GLU A 359 16.29 -12.00 -22.74
CA GLU A 359 16.84 -11.29 -23.93
C GLU A 359 16.21 -11.86 -25.22
N GLU A 360 16.05 -13.18 -25.34
CA GLU A 360 15.53 -13.76 -26.61
C GLU A 360 14.01 -13.56 -26.69
N ILE A 361 13.31 -13.63 -25.56
CA ILE A 361 11.83 -13.32 -25.50
C ILE A 361 11.61 -11.88 -25.96
N VAL A 362 12.38 -10.94 -25.43
CA VAL A 362 12.25 -9.51 -25.83
C VAL A 362 12.52 -9.37 -27.34
N ARG A 363 13.54 -10.06 -27.85
CA ARG A 363 13.90 -9.95 -29.29
C ARG A 363 12.73 -10.48 -30.15
N PHE A 364 12.08 -11.55 -29.72
CA PHE A 364 10.95 -12.20 -30.45
C PHE A 364 9.62 -11.39 -30.32
N VAL A 365 9.25 -10.97 -29.10
CA VAL A 365 7.95 -10.33 -28.76
C VAL A 365 7.91 -8.90 -29.31
N LYS A 366 9.05 -8.20 -29.31
CA LYS A 366 9.17 -6.76 -29.65
C LYS A 366 8.20 -5.98 -28.74
N PRO A 367 8.39 -6.04 -27.42
CA PRO A 367 7.52 -5.32 -26.50
C PRO A 367 7.77 -3.80 -26.52
N THR A 368 6.75 -3.07 -26.12
CA THR A 368 6.73 -1.60 -25.97
C THR A 368 6.78 -1.30 -24.47
N THR A 369 6.46 -2.29 -23.62
CA THR A 369 6.47 -2.19 -22.14
C THR A 369 7.21 -3.36 -21.51
N LEU A 370 8.00 -3.07 -20.49
CA LEU A 370 8.53 -4.09 -19.56
C LEU A 370 7.98 -3.85 -18.14
N LEU A 371 7.19 -4.80 -17.66
CA LEU A 371 6.70 -4.78 -16.25
CA LEU A 371 6.66 -4.83 -16.28
C LEU A 371 7.56 -5.74 -15.41
N GLY A 372 8.31 -5.17 -14.45
CA GLY A 372 9.23 -5.91 -13.56
C GLY A 372 8.53 -6.33 -12.28
N LEU A 373 8.02 -7.57 -12.21
CA LEU A 373 7.34 -8.13 -11.02
C LEU A 373 8.02 -9.45 -10.65
N GLY A 374 9.32 -9.57 -10.92
CA GLY A 374 10.06 -10.86 -11.04
C GLY A 374 10.67 -11.27 -9.72
N GLY A 375 11.12 -10.32 -8.90
CA GLY A 375 11.83 -10.56 -7.63
C GLY A 375 13.10 -11.43 -7.78
N VAL A 376 13.89 -11.23 -8.85
CA VAL A 376 15.12 -12.01 -9.18
C VAL A 376 16.26 -11.04 -9.58
N GLY A 377 16.30 -9.82 -9.05
CA GLY A 377 17.37 -8.83 -9.35
C GLY A 377 17.24 -8.12 -10.70
N PRO A 378 18.36 -7.55 -11.26
CA PRO A 378 18.31 -6.61 -12.39
C PRO A 378 18.29 -7.22 -13.81
N ALA A 379 17.15 -7.80 -14.19
CA ALA A 379 16.94 -8.54 -15.46
C ALA A 379 16.77 -7.60 -16.65
N PHE A 380 16.39 -6.33 -16.47
CA PHE A 380 16.21 -5.38 -17.61
C PHE A 380 17.56 -4.74 -17.94
N THR A 381 18.39 -5.51 -18.64
CA THR A 381 19.77 -5.13 -19.00
C THR A 381 19.77 -4.01 -20.03
N GLU A 382 20.89 -3.35 -20.20
CA GLU A 382 21.08 -2.34 -21.25
C GLU A 382 20.66 -2.91 -22.62
N GLU A 383 21.02 -4.17 -22.92
CA GLU A 383 20.75 -4.78 -24.24
C GLU A 383 19.22 -4.85 -24.40
N ILE A 384 18.53 -5.23 -23.34
CA ILE A 384 17.04 -5.42 -23.39
C ILE A 384 16.34 -4.06 -23.56
N VAL A 385 16.80 -3.04 -22.81
CA VAL A 385 16.23 -1.68 -22.89
C VAL A 385 16.46 -1.16 -24.31
N LYS A 386 17.64 -1.41 -24.90
CA LYS A 386 17.98 -0.95 -26.27
C LYS A 386 17.03 -1.59 -27.30
N MET A 387 16.64 -2.84 -27.08
CA MET A 387 15.70 -3.52 -28.02
C MET A 387 14.29 -2.89 -27.92
N VAL A 388 13.81 -2.59 -26.72
CA VAL A 388 12.47 -1.95 -26.55
C VAL A 388 12.44 -0.60 -27.30
N MET A 389 13.57 0.14 -27.31
CA MET A 389 13.74 1.40 -28.09
C MET A 389 13.51 1.21 -29.59
N GLN A 390 13.74 0.01 -30.09
CA GLN A 390 13.43 -0.33 -31.52
C GLN A 390 11.92 -0.40 -31.74
N ASN A 391 11.10 -0.62 -30.67
CA ASN A 391 9.65 -0.98 -30.82
C ASN A 391 8.74 0.22 -30.48
N THR A 392 9.27 1.28 -29.89
CA THR A 392 8.49 2.44 -29.43
C THR A 392 9.46 3.60 -29.24
N GLU A 393 8.98 4.80 -29.51
CA GLU A 393 9.70 6.05 -29.16
C GLU A 393 9.73 6.26 -27.64
N ARG A 394 8.76 5.72 -26.90
CA ARG A 394 8.63 5.96 -25.45
C ARG A 394 8.49 4.63 -24.70
N PRO A 395 9.59 3.91 -24.41
CA PRO A 395 9.53 2.64 -23.68
C PRO A 395 8.94 2.85 -22.28
N ILE A 396 7.96 2.03 -21.93
CA ILE A 396 7.41 2.04 -20.55
C ILE A 396 8.18 0.97 -19.77
N ILE A 397 8.90 1.37 -18.75
CA ILE A 397 9.74 0.45 -17.92
C ILE A 397 9.39 0.64 -16.45
N PHE A 398 8.88 -0.42 -15.85
CA PHE A 398 8.35 -0.46 -14.47
C PHE A 398 9.08 -1.50 -13.63
N PRO A 399 10.25 -1.17 -13.04
CA PRO A 399 10.97 -2.06 -12.13
C PRO A 399 10.36 -1.96 -10.73
N LEU A 400 9.39 -2.83 -10.44
CA LEU A 400 8.53 -2.74 -9.24
C LEU A 400 8.99 -3.67 -8.12
N SER A 401 9.94 -4.58 -8.36
CA SER A 401 10.47 -5.53 -7.36
C SER A 401 11.30 -4.77 -6.29
N ASN A 402 11.07 -5.09 -5.01
CA ASN A 402 11.64 -4.39 -3.82
C ASN A 402 12.52 -5.34 -3.02
N PRO A 403 13.63 -4.88 -2.38
CA PRO A 403 14.09 -3.49 -2.41
C PRO A 403 14.99 -3.19 -3.61
N THR A 404 15.56 -1.98 -3.65
CA THR A 404 16.33 -1.38 -4.78
C THR A 404 17.31 -2.39 -5.42
N SER A 405 17.72 -3.43 -4.70
CA SER A 405 18.64 -4.49 -5.18
C SER A 405 17.91 -5.58 -5.99
N LYS A 406 16.69 -5.94 -5.59
CA LYS A 406 15.84 -6.92 -6.34
C LYS A 406 15.26 -6.26 -7.61
N ALA A 407 15.31 -4.93 -7.74
CA ALA A 407 14.67 -4.12 -8.81
C ALA A 407 15.22 -4.53 -10.18
N GLU A 408 14.40 -4.51 -11.24
CA GLU A 408 14.80 -5.01 -12.58
C GLU A 408 15.81 -4.07 -13.24
N VAL A 409 15.81 -2.80 -12.84
CA VAL A 409 16.67 -1.75 -13.44
C VAL A 409 16.51 -0.47 -12.60
N THR A 410 17.58 0.32 -12.49
CA THR A 410 17.52 1.63 -11.78
C THR A 410 16.81 2.60 -12.73
N PRO A 411 15.94 3.51 -12.26
CA PRO A 411 15.45 4.59 -13.11
C PRO A 411 16.58 5.36 -13.83
N GLU A 412 17.69 5.66 -13.15
CA GLU A 412 18.86 6.37 -13.75
C GLU A 412 19.32 5.65 -15.02
N ASN A 413 19.57 4.35 -14.93
CA ASN A 413 19.96 3.50 -16.09
C ASN A 413 18.88 3.55 -17.16
N ALA A 414 17.60 3.37 -16.80
CA ALA A 414 16.51 3.36 -17.79
C ALA A 414 16.53 4.69 -18.57
N TYR A 415 16.60 5.84 -17.84
CA TYR A 415 16.62 7.19 -18.45
C TYR A 415 17.90 7.35 -19.31
N LYS A 416 19.06 7.00 -18.77
CA LYS A 416 20.38 7.08 -19.49
C LYS A 416 20.31 6.32 -20.83
N TRP A 417 19.97 5.03 -20.75
CA TRP A 417 20.02 4.08 -21.91
C TRP A 417 19.03 4.54 -22.97
N THR A 418 17.92 5.16 -22.57
CA THR A 418 16.87 5.63 -23.52
C THR A 418 17.05 7.12 -23.85
N ASN A 419 18.07 7.76 -23.30
CA ASN A 419 18.30 9.22 -23.49
C ASN A 419 17.04 10.00 -23.10
N GLY A 420 16.38 9.62 -22.00
CA GLY A 420 15.24 10.38 -21.46
C GLY A 420 13.89 9.91 -21.98
N ALA A 421 13.84 8.93 -22.86
CA ALA A 421 12.57 8.48 -23.50
C ALA A 421 11.76 7.55 -22.58
N ALA A 422 12.41 6.82 -21.70
CA ALA A 422 11.76 5.85 -20.78
C ALA A 422 10.72 6.57 -19.91
N ILE A 423 9.53 5.96 -19.84
CA ILE A 423 8.45 6.29 -18.86
C ILE A 423 8.58 5.27 -17.72
N VAL A 424 8.99 5.72 -16.53
CA VAL A 424 9.38 4.84 -15.40
C VAL A 424 8.47 5.07 -14.19
N ALA A 425 7.95 3.96 -13.65
CA ALA A 425 7.38 3.92 -12.30
C ALA A 425 8.22 2.92 -11.47
N SER A 426 8.40 3.20 -10.18
CA SER A 426 9.23 2.42 -9.25
C SER A 426 8.38 2.01 -8.05
N GLY A 427 8.83 0.97 -7.34
CA GLY A 427 8.22 0.57 -6.07
C GLY A 427 8.94 1.23 -4.89
N SER A 428 9.91 2.11 -5.15
CA SER A 428 10.75 2.85 -4.15
C SER A 428 10.97 4.28 -4.62
N PRO A 429 11.23 5.23 -3.70
CA PRO A 429 11.55 6.60 -4.10
C PRO A 429 12.95 6.63 -4.71
N PHE A 430 13.15 7.43 -5.75
CA PHE A 430 14.48 7.65 -6.35
C PHE A 430 14.71 9.13 -6.58
N PRO A 431 15.97 9.60 -6.48
CA PRO A 431 16.28 10.98 -6.80
C PRO A 431 16.18 11.21 -8.32
N PRO A 432 15.96 12.48 -8.71
CA PRO A 432 15.82 12.82 -10.12
C PRO A 432 17.14 12.54 -10.83
N THR A 433 17.06 12.27 -12.14
CA THR A 433 18.20 12.11 -13.07
C THR A 433 18.13 13.24 -14.09
N THR A 434 19.28 13.83 -14.41
CA THR A 434 19.42 14.96 -15.35
C THR A 434 20.27 14.46 -16.50
N ILE A 435 19.73 14.59 -17.69
CA ILE A 435 20.37 14.18 -18.98
C ILE A 435 20.26 15.37 -19.92
N GLY A 436 21.40 15.94 -20.29
CA GLY A 436 21.46 17.07 -21.24
C GLY A 436 20.67 18.26 -20.74
N GLY A 437 20.76 18.55 -19.44
CA GLY A 437 20.03 19.69 -18.84
C GLY A 437 18.55 19.41 -18.59
N LYS A 438 18.01 18.25 -19.02
CA LYS A 438 16.57 17.88 -18.83
C LYS A 438 16.45 16.91 -17.66
N THR A 439 15.48 17.17 -16.77
CA THR A 439 15.38 16.41 -15.51
C THR A 439 14.25 15.37 -15.67
N PHE A 440 14.52 14.19 -15.16
CA PHE A 440 13.60 13.02 -15.12
C PHE A 440 13.58 12.49 -13.70
N LYS A 441 12.39 12.07 -13.27
CA LYS A 441 12.21 11.47 -11.95
C LYS A 441 11.16 10.39 -12.14
N PRO A 442 11.37 9.17 -11.61
CA PRO A 442 10.36 8.12 -11.76
C PRO A 442 9.14 8.46 -10.94
N SER A 443 7.98 7.95 -11.34
CA SER A 443 6.76 8.03 -10.52
C SER A 443 6.74 6.81 -9.59
N GLN A 444 6.63 7.04 -8.30
CA GLN A 444 6.60 5.94 -7.30
C GLN A 444 5.16 5.48 -7.15
N GLY A 445 4.85 4.21 -7.47
CA GLY A 445 3.52 3.62 -7.25
C GLY A 445 3.34 3.23 -5.78
N ASN A 446 3.30 4.19 -4.85
CA ASN A 446 3.16 3.83 -3.41
CA ASN A 446 3.09 4.03 -3.39
C ASN A 446 1.71 3.43 -3.14
N ASN A 447 1.57 2.39 -2.29
CA ASN A 447 0.26 1.83 -1.89
C ASN A 447 -0.54 2.89 -1.15
N LEU A 448 0.13 3.90 -0.57
CA LEU A 448 -0.55 5.03 0.14
C LEU A 448 -1.58 5.72 -0.77
N TYR A 449 -1.41 5.64 -2.09
CA TYR A 449 -2.37 6.33 -3.00
C TYR A 449 -3.77 5.73 -2.87
N VAL A 450 -3.92 4.46 -2.54
CA VAL A 450 -5.24 3.76 -2.60
C VAL A 450 -5.82 3.35 -1.25
N PHE A 451 -5.11 2.62 -0.38
CA PHE A 451 -5.76 2.02 0.82
C PHE A 451 -6.39 3.10 1.69
N PRO A 452 -5.78 4.29 1.94
CA PRO A 452 -6.43 5.24 2.85
C PRO A 452 -7.82 5.67 2.32
N GLY A 453 -7.93 5.97 1.01
CA GLY A 453 -9.18 6.41 0.39
C GLY A 453 -10.21 5.28 0.38
N VAL A 454 -9.78 4.04 0.15
CA VAL A 454 -10.70 2.87 0.31
C VAL A 454 -11.18 2.78 1.76
N GLY A 455 -10.26 2.87 2.72
CA GLY A 455 -10.62 2.92 4.16
C GLY A 455 -11.57 4.03 4.51
N LEU A 456 -11.29 5.25 4.08
CA LEU A 456 -12.20 6.41 4.31
C LEU A 456 -13.55 6.20 3.58
N GLY A 457 -13.58 5.83 2.29
CA GLY A 457 -14.86 5.54 1.60
C GLY A 457 -15.69 4.46 2.27
N CYS A 458 -15.06 3.36 2.70
CA CYS A 458 -15.75 2.20 3.30
C CYS A 458 -16.19 2.59 4.74
N ALA A 459 -15.44 3.44 5.46
CA ALA A 459 -15.84 3.95 6.79
C ALA A 459 -17.11 4.81 6.67
N LEU A 460 -17.18 5.70 5.67
CA LEU A 460 -18.37 6.58 5.48
C LEU A 460 -19.56 5.79 4.94
N ALA A 461 -19.36 5.01 3.87
CA ALA A 461 -20.45 4.36 3.07
C ALA A 461 -21.01 3.17 3.84
N GLN A 462 -20.19 2.57 4.71
CA GLN A 462 -20.52 1.35 5.48
C GLN A 462 -21.07 0.31 4.50
N PRO A 463 -20.34 -0.09 3.43
CA PRO A 463 -20.84 -1.12 2.53
C PRO A 463 -20.87 -2.49 3.23
N THR A 464 -21.77 -3.37 2.79
CA THR A 464 -21.94 -4.69 3.41
C THR A 464 -20.60 -5.42 3.22
N HIS A 465 -19.91 -5.15 2.12
CA HIS A 465 -18.64 -5.83 1.77
C HIS A 465 -17.89 -4.97 0.76
N ILE A 466 -16.69 -5.39 0.36
CA ILE A 466 -15.85 -4.58 -0.57
C ILE A 466 -15.64 -5.42 -1.82
N PRO A 467 -16.57 -5.35 -2.79
CA PRO A 467 -16.42 -6.10 -4.04
C PRO A 467 -15.35 -5.46 -4.90
N GLU A 468 -14.82 -6.19 -5.89
CA GLU A 468 -13.72 -5.76 -6.79
C GLU A 468 -14.11 -4.43 -7.46
N GLU A 469 -15.39 -4.21 -7.73
CA GLU A 469 -15.87 -2.90 -8.27
C GLU A 469 -15.30 -1.72 -7.44
N LEU A 470 -15.22 -1.82 -6.11
CA LEU A 470 -14.79 -0.64 -5.33
C LEU A 470 -13.30 -0.42 -5.53
N LEU A 471 -12.49 -1.51 -5.61
CA LEU A 471 -11.03 -1.34 -5.89
C LEU A 471 -10.86 -0.75 -7.30
N LEU A 472 -11.61 -1.24 -8.28
CA LEU A 472 -11.46 -0.79 -9.70
C LEU A 472 -11.81 0.70 -9.78
N THR A 473 -12.86 1.11 -9.07
CA THR A 473 -13.27 2.53 -8.98
C THR A 473 -12.13 3.34 -8.39
N ALA A 474 -11.46 2.81 -7.35
CA ALA A 474 -10.39 3.54 -6.66
C ALA A 474 -9.22 3.67 -7.62
N SER A 475 -8.95 2.63 -8.39
CA SER A 475 -7.85 2.62 -9.38
C SER A 475 -8.11 3.71 -10.44
N GLU A 476 -9.33 3.75 -10.97
CA GLU A 476 -9.72 4.75 -11.99
C GLU A 476 -9.65 6.18 -11.40
N SER A 477 -10.22 6.38 -10.21
CA SER A 477 -10.19 7.67 -9.50
C SER A 477 -8.75 8.21 -9.44
N LEU A 478 -7.83 7.36 -9.01
CA LEU A 478 -6.40 7.72 -8.89
C LEU A 478 -5.83 8.14 -10.24
N ASN A 479 -6.10 7.34 -11.28
CA ASN A 479 -5.64 7.63 -12.64
C ASN A 479 -6.11 9.03 -13.02
N LEU A 480 -7.42 9.31 -12.86
CA LEU A 480 -8.02 10.58 -13.31
C LEU A 480 -7.55 11.75 -12.45
N LEU A 481 -6.92 11.53 -11.30
CA LEU A 481 -6.45 12.67 -10.48
C LEU A 481 -5.13 13.19 -11.02
N THR A 482 -4.47 12.48 -11.91
CA THR A 482 -3.22 13.01 -12.51
C THR A 482 -3.62 14.10 -13.52
N THR A 483 -3.27 15.34 -13.22
CA THR A 483 -3.76 16.52 -13.97
C THR A 483 -3.02 16.59 -15.31
N GLU A 484 -3.63 17.31 -16.27
CA GLU A 484 -2.97 17.54 -17.59
C GLU A 484 -1.59 18.19 -17.28
N GLY A 485 -1.46 19.05 -16.27
CA GLY A 485 -0.16 19.61 -15.88
C GLY A 485 0.83 18.54 -15.41
N ASP A 486 0.46 17.74 -14.42
CA ASP A 486 1.27 16.61 -13.89
C ASP A 486 1.74 15.78 -15.12
N LEU A 487 0.82 15.43 -16.04
CA LEU A 487 1.10 14.57 -17.22
C LEU A 487 2.11 15.25 -18.16
N ARG A 488 1.98 16.55 -18.39
CA ARG A 488 2.94 17.31 -19.20
C ARG A 488 4.33 17.21 -18.55
N GLU A 489 4.42 17.18 -17.20
CA GLU A 489 5.74 17.07 -16.49
C GLU A 489 6.20 15.60 -16.35
N GLY A 490 5.52 14.65 -17.00
CA GLY A 490 5.88 13.20 -16.99
C GLY A 490 5.45 12.45 -15.72
N ARG A 491 4.56 13.00 -14.88
CA ARG A 491 4.13 12.30 -13.65
C ARG A 491 2.99 11.35 -14.04
N LEU A 492 2.99 10.17 -13.45
CA LEU A 492 1.96 9.15 -13.67
C LEU A 492 0.90 9.23 -12.57
N TYR A 493 1.20 9.90 -11.47
CA TYR A 493 0.31 9.95 -10.27
C TYR A 493 0.23 11.39 -9.81
N PRO A 494 -0.89 11.74 -9.17
CA PRO A 494 -0.94 13.02 -8.47
C PRO A 494 0.16 12.98 -7.43
N PRO A 495 0.64 14.15 -7.00
CA PRO A 495 1.73 14.22 -6.05
C PRO A 495 1.41 13.66 -4.65
N LEU A 496 2.34 12.93 -4.09
CA LEU A 496 2.13 12.22 -2.82
C LEU A 496 1.75 13.19 -1.71
N GLU A 497 2.31 14.40 -1.73
CA GLU A 497 2.15 15.34 -0.60
C GLU A 497 0.70 15.84 -0.57
N ASP A 498 -0.07 15.64 -1.66
CA ASP A 498 -1.51 16.03 -1.77
C ASP A 498 -2.38 14.85 -1.36
N ILE A 499 -1.87 13.98 -0.50
CA ILE A 499 -2.56 12.69 -0.15
C ILE A 499 -3.96 12.95 0.41
N HIS A 500 -4.19 13.99 1.21
CA HIS A 500 -5.56 14.22 1.75
C HIS A 500 -6.58 14.41 0.61
N ASN A 501 -6.29 15.30 -0.32
CA ASN A 501 -7.15 15.55 -1.51
C ASN A 501 -7.31 14.24 -2.32
N ILE A 502 -6.21 13.54 -2.55
CA ILE A 502 -6.25 12.23 -3.25
C ILE A 502 -7.21 11.31 -2.51
N SER A 503 -7.01 11.12 -1.20
CA SER A 503 -7.85 10.20 -0.40
C SER A 503 -9.32 10.64 -0.46
N ALA A 504 -9.60 11.93 -0.33
CA ALA A 504 -10.99 12.44 -0.33
C ALA A 504 -11.65 12.10 -1.68
N ASN A 505 -10.90 12.26 -2.78
CA ASN A 505 -11.42 11.95 -4.16
C ASN A 505 -11.64 10.44 -4.30
N VAL A 506 -10.65 9.65 -3.92
CA VAL A 506 -10.77 8.17 -4.01
C VAL A 506 -11.97 7.74 -3.17
N ALA A 507 -12.06 8.22 -1.93
CA ALA A 507 -13.15 7.89 -1.01
C ALA A 507 -14.49 8.27 -1.66
N THR A 508 -14.57 9.47 -2.24
CA THR A 508 -15.83 9.92 -2.87
C THR A 508 -16.27 8.95 -3.97
N ASP A 509 -15.34 8.59 -4.85
CA ASP A 509 -15.64 7.68 -5.99
C ASP A 509 -16.01 6.28 -5.48
N VAL A 510 -15.34 5.75 -4.44
CA VAL A 510 -15.70 4.46 -3.82
C VAL A 510 -17.14 4.55 -3.29
N ILE A 511 -17.49 5.64 -2.62
CA ILE A 511 -18.86 5.80 -2.02
C ILE A 511 -19.88 5.77 -3.16
N LEU A 512 -19.67 6.55 -4.20
CA LEU A 512 -20.61 6.61 -5.33
C LEU A 512 -20.78 5.21 -5.90
N GLU A 513 -19.72 4.41 -5.98
CA GLU A 513 -19.82 3.02 -6.53
C GLU A 513 -20.66 2.17 -5.58
N ALA A 514 -20.41 2.25 -4.28
CA ALA A 514 -21.18 1.48 -3.28
C ALA A 514 -22.66 1.90 -3.38
N GLN A 515 -22.91 3.19 -3.61
CA GLN A 515 -24.29 3.71 -3.75
C GLN A 515 -24.95 3.14 -5.00
N ARG A 516 -24.25 3.18 -6.13
CA ARG A 516 -24.71 2.55 -7.39
C ARG A 516 -25.09 1.07 -7.17
N MET A 517 -24.28 0.30 -6.43
CA MET A 517 -24.53 -1.16 -6.23
C MET A 517 -25.53 -1.39 -5.10
N LYS A 518 -25.94 -0.34 -4.38
CA LYS A 518 -26.88 -0.41 -3.24
C LYS A 518 -26.34 -1.35 -2.14
N ILE A 519 -25.05 -1.28 -1.85
CA ILE A 519 -24.43 -2.02 -0.71
C ILE A 519 -24.07 -1.05 0.42
N ASP A 520 -24.31 0.24 0.22
CA ASP A 520 -23.97 1.30 1.21
C ASP A 520 -25.03 1.26 2.32
N ASN A 521 -24.65 1.28 3.60
CA ASN A 521 -25.61 1.24 4.73
C ASN A 521 -25.74 2.63 5.36
N ASN A 522 -24.91 3.61 4.99
CA ASN A 522 -24.98 4.99 5.55
C ASN A 522 -25.84 5.91 4.65
N LYS A 523 -27.11 6.17 5.06
CA LYS A 523 -28.10 6.91 4.25
C LYS A 523 -27.96 8.43 4.44
N LYS A 524 -26.95 8.89 5.19
CA LYS A 524 -26.78 10.34 5.47
C LYS A 524 -26.00 11.04 4.36
N LEU A 525 -25.29 10.29 3.51
CA LEU A 525 -24.25 10.87 2.64
C LEU A 525 -24.90 11.50 1.43
N PRO A 526 -24.32 12.59 0.90
CA PRO A 526 -24.70 13.09 -0.42
C PRO A 526 -24.56 12.00 -1.49
N ARG A 527 -25.30 12.10 -2.60
CA ARG A 527 -25.29 11.07 -3.68
C ARG A 527 -24.79 11.66 -5.01
N THR A 528 -24.34 12.93 -5.00
CA THR A 528 -23.79 13.68 -6.16
C THR A 528 -22.34 14.03 -5.81
N ARG A 529 -21.45 13.98 -6.79
CA ARG A 529 -20.00 13.96 -6.56
C ARG A 529 -19.55 15.24 -5.88
N ASP A 530 -19.90 16.42 -6.40
CA ASP A 530 -19.33 17.69 -5.86
C ASP A 530 -19.67 17.78 -4.37
N GLU A 531 -20.93 17.55 -4.03
CA GLU A 531 -21.45 17.74 -2.65
C GLU A 531 -20.83 16.67 -1.76
N LEU A 532 -20.71 15.45 -2.28
CA LEU A 532 -20.12 14.32 -1.51
C LEU A 532 -18.65 14.58 -1.24
N LEU A 533 -17.90 15.06 -2.23
CA LEU A 533 -16.47 15.37 -2.02
C LEU A 533 -16.35 16.41 -0.89
N ALA A 534 -17.16 17.48 -0.92
CA ALA A 534 -17.11 18.53 0.12
C ALA A 534 -17.36 17.89 1.49
N PHE A 535 -18.32 16.98 1.57
CA PHE A 535 -18.69 16.25 2.81
C PHE A 535 -17.53 15.38 3.32
N VAL A 536 -16.91 14.63 2.39
CA VAL A 536 -15.82 13.68 2.71
C VAL A 536 -14.67 14.54 3.28
N LYS A 537 -14.34 15.65 2.62
CA LYS A 537 -13.20 16.47 3.10
C LYS A 537 -13.42 16.93 4.54
N LYS A 538 -14.62 17.43 4.84
CA LYS A 538 -15.00 17.89 6.20
C LYS A 538 -14.95 16.75 7.21
N ALA A 539 -15.21 15.49 6.83
CA ALA A 539 -15.23 14.37 7.79
C ALA A 539 -13.80 13.94 8.20
N MET A 540 -12.80 14.28 7.40
CA MET A 540 -11.40 13.82 7.63
C MET A 540 -10.82 14.50 8.86
N TRP A 541 -10.17 13.72 9.69
CA TRP A 541 -9.41 14.25 10.84
C TRP A 541 -8.19 14.95 10.31
N LYS A 542 -7.86 16.13 10.84
CA LYS A 542 -6.72 16.93 10.33
C LYS A 542 -5.77 17.12 11.50
N PRO A 543 -4.45 16.99 11.29
CA PRO A 543 -3.47 17.19 12.36
C PRO A 543 -3.25 18.69 12.63
N VAL A 544 -4.26 19.34 13.19
CA VAL A 544 -4.19 20.78 13.57
C VAL A 544 -4.79 20.82 14.97
N TYR A 545 -4.45 21.81 15.79
CA TYR A 545 -4.96 21.93 17.18
C TYR A 545 -6.40 22.42 17.08
N SER A 546 -7.34 21.71 17.69
CA SER A 546 -8.81 21.87 17.51
C SER A 546 -9.47 22.35 18.81
N GLY A 547 -9.19 21.70 19.93
CA GLY A 547 -9.79 21.97 21.26
C GLY A 547 -10.43 20.73 21.87
N1 EPE B . -17.48 9.95 11.99
C2 EPE B . -17.67 9.62 10.57
C3 EPE B . -16.40 9.34 9.78
N4 EPE B . -15.25 10.14 10.24
C5 EPE B . -15.05 10.48 11.65
C6 EPE B . -16.32 10.78 12.38
C7 EPE B . -14.06 9.81 9.45
C8 EPE B . -12.71 10.12 10.13
O8 EPE B . -12.42 9.16 11.17
C9 EPE B . -18.69 10.55 12.63
C10 EPE B . -20.03 10.44 11.89
S EPE B . -21.36 10.40 12.95
O1S EPE B . -22.46 11.16 12.25
O2S EPE B . -20.99 11.04 14.26
O3S EPE B . -21.67 8.99 13.32
N1 SZJ C . 2.95 -2.64 27.29
C4 SZJ C . 1.49 0.64 28.17
C5 SZJ C . 1.59 -0.64 27.62
C6 SZJ C . 0.67 -1.04 26.66
C7 SZJ C . 2.65 -1.58 28.09
C8 SZJ C . 4.03 -3.56 27.44
C10 SZJ C . 5.31 -5.38 26.55
C13 SZJ C . 4.91 -3.47 28.52
C15 SZJ C . 8.07 -1.72 28.81
C17 SZJ C . 9.87 -0.47 27.84
C20 SZJ C . 10.34 0.89 26.00
C1 SZJ C . -0.29 -0.14 26.26
C2 SZJ C . -0.40 1.13 26.75
C3 SZJ C . 0.53 1.49 27.69
F1 SZJ C . -1.17 -0.54 25.31
F2 SZJ C . 0.45 2.76 28.17
O1 SZJ C . 3.20 -1.36 29.17
C9 SZJ C . 4.23 -4.51 26.44
C11 SZJ C . 6.16 -5.34 27.64
C12 SZJ C . 5.97 -4.37 28.62
S1 SZJ C . 7.03 -4.36 30.07
N2 SZJ C . 8.51 -4.03 29.58
O2 SZJ C . 6.61 -3.25 30.92
O3 SZJ C . 6.93 -5.68 30.60
C14 SZJ C . 8.92 -2.79 29.00
C16 SZJ C . 8.55 -0.56 28.25
C18 SZJ C . 10.72 -1.55 28.03
C19 SZJ C . 10.23 -2.72 28.59
O4 SZJ C . 10.38 0.70 27.34
F3 SZJ C . 10.88 -0.18 25.45
F4 SZJ C . 9.08 0.88 25.60
#